data_6Z4H
#
_entry.id   6Z4H
#
_cell.length_a   38.613
_cell.length_b   68.289
_cell.length_c   50.899
_cell.angle_alpha   90.000
_cell.angle_beta   105.759
_cell.angle_gamma   90.000
#
_symmetry.space_group_name_H-M   'P 1 21 1'
#
loop_
_entity.id
_entity.type
_entity.pdbx_description
1 polymer 'Superoxide dismutase [Cu-Zn]'
2 non-polymer 'ZINC ION'
3 non-polymer ~{N}-[(4-chlorophenyl)methyl]-2-selanyl-benzamide
4 non-polymer 'SULFATE ION'
5 water water
#
_entity_poly.entity_id   1
_entity_poly.type   'polypeptide(L)'
_entity_poly.pdbx_seq_one_letter_code
;ATKVVCVLKGDGPVQGIINFEQKESNGPVKVWGSIKGLTEGLHGFHVHEFGDNTAGCTSAGPHFNPLSRKHGGPKDEERH
VGDLGNVTADKDGVADVSIEDSVISLSGDHCIIGRTLVVHEKADDLGKGGNEESTKTGNAGSRLACGVIGIAQ
;
_entity_poly.pdbx_strand_id   AAA,BBB
#
loop_
_chem_comp.id
_chem_comp.type
_chem_comp.name
_chem_comp.formula
LQW non-polymer ~{N}-[(4-chlorophenyl)methyl]-2-selanyl-benzamide 'C14 H12 Cl N O Se'
SO4 non-polymer 'SULFATE ION' 'O4 S -2'
ZN non-polymer 'ZINC ION' 'Zn 2'
#
# COMPACT_ATOMS: atom_id res chain seq x y z
N ALA A 1 -15.76 -7.46 9.30
CA ALA A 1 -15.29 -6.41 10.26
C ALA A 1 -13.95 -5.84 9.79
N THR A 2 -13.09 -6.62 9.13
CA THR A 2 -11.84 -6.06 8.54
C THR A 2 -11.97 -6.03 7.01
N LYS A 3 -11.69 -4.87 6.43
CA LYS A 3 -11.77 -4.67 4.96
C LYS A 3 -10.46 -4.05 4.49
N VAL A 4 -9.94 -4.50 3.36
CA VAL A 4 -8.69 -3.95 2.79
C VAL A 4 -8.90 -3.88 1.29
N VAL A 5 -8.10 -3.11 0.61
CA VAL A 5 -8.38 -2.96 -0.83
C VAL A 5 -7.04 -2.92 -1.54
N CYS A 6 -7.06 -3.15 -2.85
CA CYS A 6 -5.85 -3.05 -3.67
C CYS A 6 -6.22 -2.53 -5.05
N VAL A 7 -5.54 -1.48 -5.49
CA VAL A 7 -5.71 -0.95 -6.88
C VAL A 7 -4.54 -1.47 -7.71
N LEU A 8 -4.82 -2.29 -8.73
CA LEU A 8 -3.82 -2.89 -9.62
C LEU A 8 -3.60 -1.97 -10.81
N LYS A 9 -2.35 -1.63 -11.04
CA LYS A 9 -1.94 -0.82 -12.22
C LYS A 9 -0.57 -1.33 -12.64
N GLY A 10 -0.23 -1.16 -13.90
CA GLY A 10 1.10 -1.53 -14.41
C GLY A 10 1.54 -0.65 -15.57
N ASP A 11 2.45 -1.17 -16.39
CA ASP A 11 3.04 -0.47 -17.57
C ASP A 11 2.07 -0.57 -18.73
N GLY A 12 1.23 -1.61 -18.76
CA GLY A 12 0.38 -1.89 -19.92
C GLY A 12 -1.06 -1.41 -19.71
N PRO A 13 -2.06 -2.05 -20.34
CA PRO A 13 -3.47 -1.71 -20.14
C PRO A 13 -4.12 -2.47 -18.97
N VAL A 14 -3.36 -3.25 -18.22
CA VAL A 14 -3.96 -4.13 -17.17
C VAL A 14 -4.22 -3.27 -15.93
N GLN A 15 -5.46 -3.29 -15.45
CA GLN A 15 -5.89 -2.48 -14.31
C GLN A 15 -7.09 -3.13 -13.65
N GLY A 16 -7.17 -2.99 -12.34
CA GLY A 16 -8.17 -3.70 -11.52
C GLY A 16 -8.33 -3.11 -10.15
N ILE A 17 -9.45 -3.42 -9.53
CA ILE A 17 -9.72 -3.13 -8.10
C ILE A 17 -10.11 -4.45 -7.46
N ILE A 18 -9.38 -4.80 -6.40
CA ILE A 18 -9.63 -6.03 -5.65
C ILE A 18 -9.89 -5.70 -4.18
N ASN A 19 -10.97 -6.25 -3.65
CA ASN A 19 -11.45 -6.02 -2.28
C ASN A 19 -11.21 -7.31 -1.50
N PHE A 20 -10.88 -7.17 -0.24
CA PHE A 20 -10.71 -8.31 0.70
C PHE A 20 -11.57 -8.02 1.93
N GLU A 21 -12.25 -9.05 2.45
CA GLU A 21 -13.05 -8.87 3.68
C GLU A 21 -12.99 -10.09 4.57
N GLN A 22 -12.76 -9.87 5.85
CA GLN A 22 -12.58 -10.96 6.85
C GLN A 22 -13.44 -10.64 8.06
N LYS A 23 -14.46 -11.45 8.28
CA LYS A 23 -15.46 -11.15 9.33
C LYS A 23 -14.90 -11.51 10.70
N GLU A 24 -14.02 -12.50 10.82
CA GLU A 24 -13.40 -12.84 12.11
C GLU A 24 -11.94 -13.21 11.85
N SER A 25 -11.10 -13.14 12.87
CA SER A 25 -9.63 -13.32 12.70
C SER A 25 -9.32 -14.76 12.32
N ASN A 26 -10.14 -15.71 12.73
CA ASN A 26 -9.84 -17.13 12.44
C ASN A 26 -10.59 -17.53 11.18
N GLY A 27 -11.24 -16.58 10.53
CA GLY A 27 -12.19 -16.91 9.45
C GLY A 27 -11.58 -16.76 8.06
N PRO A 28 -12.31 -17.22 7.03
CA PRO A 28 -11.92 -16.99 5.65
C PRO A 28 -11.96 -15.52 5.23
N VAL A 29 -11.18 -15.22 4.21
CA VAL A 29 -11.13 -13.88 3.58
C VAL A 29 -11.84 -14.03 2.24
N LYS A 30 -12.85 -13.20 2.02
CA LYS A 30 -13.54 -13.09 0.71
C LYS A 30 -12.75 -12.09 -0.13
N VAL A 31 -12.46 -12.47 -1.35
CA VAL A 31 -11.65 -11.64 -2.27
C VAL A 31 -12.52 -11.43 -3.51
N TRP A 32 -12.79 -10.17 -3.91
CA TRP A 32 -13.72 -9.96 -5.06
C TRP A 32 -13.35 -8.73 -5.90
N GLY A 33 -13.67 -8.65 -7.14
CA GLY A 33 -13.39 -7.39 -7.82
C GLY A 33 -13.31 -7.64 -9.30
N SER A 34 -12.67 -6.75 -10.03
CA SER A 34 -12.62 -6.85 -11.51
C SER A 34 -11.25 -6.41 -11.97
N ILE A 35 -10.72 -7.15 -12.93
CA ILE A 35 -9.50 -6.75 -13.66
C ILE A 35 -9.82 -6.74 -15.17
N LYS A 36 -9.33 -5.74 -15.88
CA LYS A 36 -9.57 -5.60 -17.34
C LYS A 36 -8.24 -5.42 -18.08
N GLY A 37 -8.25 -5.62 -19.40
CA GLY A 37 -7.07 -5.49 -20.26
C GLY A 37 -6.19 -6.71 -20.26
N LEU A 38 -6.71 -7.86 -19.82
CA LEU A 38 -6.02 -9.17 -19.84
C LEU A 38 -6.30 -9.86 -21.17
N THR A 39 -5.42 -10.75 -21.58
CA THR A 39 -5.68 -11.74 -22.65
C THR A 39 -6.59 -12.86 -22.11
N GLU A 40 -7.38 -13.46 -22.99
CA GLU A 40 -8.31 -14.56 -22.63
C GLU A 40 -7.52 -15.67 -21.94
N GLY A 41 -8.02 -16.16 -20.80
CA GLY A 41 -7.43 -17.34 -20.13
C GLY A 41 -6.99 -17.08 -18.71
N LEU A 42 -6.14 -17.94 -18.20
CA LEU A 42 -5.73 -17.92 -16.78
C LEU A 42 -4.57 -16.94 -16.63
N HIS A 43 -4.59 -16.20 -15.51
CA HIS A 43 -3.50 -15.27 -15.14
C HIS A 43 -3.18 -15.48 -13.67
N GLY A 44 -1.92 -15.77 -13.38
CA GLY A 44 -1.45 -16.03 -12.02
C GLY A 44 -1.76 -14.83 -11.12
N PHE A 45 -2.18 -15.10 -9.90
CA PHE A 45 -2.71 -14.10 -8.96
C PHE A 45 -2.09 -14.39 -7.61
N HIS A 46 -1.14 -13.55 -7.19
CA HIS A 46 -0.28 -13.80 -6.00
C HIS A 46 -0.19 -12.56 -5.12
N VAL A 47 -0.14 -12.76 -3.82
CA VAL A 47 0.41 -11.76 -2.85
C VAL A 47 1.91 -12.00 -2.80
N HIS A 48 2.66 -10.95 -3.11
CA HIS A 48 4.13 -10.92 -3.08
C HIS A 48 4.55 -10.28 -1.75
N GLU A 49 5.78 -10.52 -1.37
CA GLU A 49 6.28 -10.27 0.00
C GLU A 49 6.35 -8.77 0.32
N PHE A 50 6.77 -7.93 -0.62
CA PHE A 50 7.07 -6.52 -0.28
C PHE A 50 6.01 -5.61 -0.88
N GLY A 51 5.54 -4.62 -0.12
CA GLY A 51 4.66 -3.54 -0.55
C GLY A 51 5.48 -2.42 -1.19
N ASP A 52 6.42 -2.78 -2.04
CA ASP A 52 7.46 -1.87 -2.57
C ASP A 52 7.25 -1.74 -4.08
N ASN A 53 6.83 -0.56 -4.52
CA ASN A 53 6.51 -0.30 -5.95
C ASN A 53 7.55 0.65 -6.55
N THR A 54 8.72 0.75 -5.93
CA THR A 54 9.75 1.76 -6.30
C THR A 54 10.21 1.53 -7.74
N ALA A 55 10.38 0.30 -8.19
CA ALA A 55 10.67 0.05 -9.63
C ALA A 55 9.59 -0.83 -10.22
N GLY A 56 8.37 -0.33 -10.22
CA GLY A 56 7.18 -1.07 -10.71
C GLY A 56 6.98 -2.36 -9.92
N CYS A 57 6.39 -3.35 -10.57
CA CYS A 57 5.95 -4.60 -9.91
C CYS A 57 7.16 -5.45 -9.53
N THR A 58 8.33 -5.20 -10.13
CA THR A 58 9.51 -6.06 -9.86
C THR A 58 9.98 -5.88 -8.40
N SER A 59 9.90 -4.71 -7.81
CA SER A 59 10.33 -4.50 -6.41
C SER A 59 9.43 -5.21 -5.41
N ALA A 60 8.34 -5.84 -5.82
CA ALA A 60 7.48 -6.60 -4.89
C ALA A 60 8.16 -7.89 -4.44
N GLY A 61 9.20 -8.34 -5.12
CA GLY A 61 9.96 -9.53 -4.67
C GLY A 61 9.19 -10.82 -4.92
N PRO A 62 9.53 -11.93 -4.21
CA PRO A 62 8.92 -13.22 -4.49
C PRO A 62 7.54 -13.36 -3.81
N HIS A 63 6.97 -14.55 -3.90
CA HIS A 63 5.65 -14.88 -3.30
C HIS A 63 5.75 -14.70 -1.79
N PHE A 64 4.77 -14.06 -1.18
CA PHE A 64 4.66 -13.96 0.30
C PHE A 64 4.66 -15.39 0.87
N ASN A 65 5.68 -15.73 1.63
CA ASN A 65 5.94 -17.13 2.02
C ASN A 65 6.47 -17.14 3.46
N PRO A 66 5.70 -16.67 4.44
CA PRO A 66 6.22 -16.56 5.81
C PRO A 66 6.53 -17.92 6.46
N LEU A 67 5.95 -19.00 5.94
CA LEU A 67 6.04 -20.34 6.57
C LEU A 67 7.06 -21.19 5.82
N SER A 68 7.77 -20.61 4.86
CA SER A 68 8.86 -21.28 4.09
C SER A 68 8.36 -22.58 3.47
N ARG A 69 7.27 -22.51 2.72
CA ARG A 69 6.74 -23.69 1.99
C ARG A 69 7.05 -23.52 0.51
N LYS A 70 6.77 -24.57 -0.26
CA LYS A 70 6.92 -24.55 -1.74
C LYS A 70 5.65 -23.99 -2.38
N HIS A 71 5.73 -23.60 -3.65
CA HIS A 71 4.60 -23.04 -4.40
C HIS A 71 3.51 -24.10 -4.60
N GLY A 72 2.26 -23.68 -4.54
CA GLY A 72 1.11 -24.55 -4.83
C GLY A 72 -0.07 -23.75 -5.29
N GLY A 73 -1.22 -24.40 -5.37
CA GLY A 73 -2.49 -23.75 -5.68
C GLY A 73 -3.18 -23.40 -4.38
N PRO A 74 -4.22 -22.55 -4.41
CA PRO A 74 -4.90 -22.10 -3.21
C PRO A 74 -5.45 -23.27 -2.40
N LYS A 75 -5.72 -24.32 -3.13
CA LYS A 75 -6.37 -25.40 -2.40
C LYS A 75 -5.40 -26.54 -2.10
N ASP A 76 -4.10 -26.32 -2.17
CA ASP A 76 -3.13 -27.30 -1.64
C ASP A 76 -2.78 -26.94 -0.19
N GLU A 77 -2.39 -27.95 0.61
CA GLU A 77 -1.74 -27.72 1.93
C GLU A 77 -0.34 -27.14 1.67
N GLU A 78 0.34 -27.67 0.68
CA GLU A 78 1.70 -27.17 0.29
C GLU A 78 1.50 -25.97 -0.65
N ARG A 79 1.57 -24.78 -0.07
CA ARG A 79 1.40 -23.52 -0.83
C ARG A 79 2.07 -22.41 -0.05
N HIS A 80 2.46 -21.36 -0.74
CA HIS A 80 2.89 -20.10 -0.12
C HIS A 80 1.63 -19.46 0.47
N VAL A 81 1.71 -18.68 1.55
CA VAL A 81 0.52 -17.90 2.01
C VAL A 81 -0.05 -17.12 0.81
N GLY A 82 0.80 -16.51 -0.03
CA GLY A 82 0.33 -15.63 -1.13
C GLY A 82 -0.19 -16.34 -2.35
N ASP A 83 -0.33 -17.66 -2.33
CA ASP A 83 -0.72 -18.40 -3.55
C ASP A 83 -2.24 -18.38 -3.72
N LEU A 84 -2.76 -17.48 -4.55
CA LEU A 84 -4.22 -17.37 -4.77
C LEU A 84 -4.57 -17.93 -6.15
N GLY A 85 -3.67 -18.70 -6.76
CA GLY A 85 -4.00 -19.46 -7.98
C GLY A 85 -4.12 -18.56 -9.18
N ASN A 86 -5.26 -18.59 -9.87
CA ASN A 86 -5.42 -17.88 -11.16
C ASN A 86 -6.75 -17.15 -11.17
N VAL A 87 -6.79 -16.03 -11.86
CA VAL A 87 -8.07 -15.40 -12.24
C VAL A 87 -8.20 -15.64 -13.75
N THR A 88 -9.42 -15.68 -14.23
CA THR A 88 -9.69 -16.13 -15.61
C THR A 88 -10.36 -14.99 -16.35
N ALA A 89 -9.70 -14.51 -17.40
CA ALA A 89 -10.22 -13.45 -18.28
C ALA A 89 -10.95 -14.08 -19.47
N ASP A 90 -12.03 -13.44 -19.86
CA ASP A 90 -12.89 -13.82 -21.01
C ASP A 90 -12.32 -13.21 -22.30
N LYS A 91 -13.00 -13.43 -23.42
CA LYS A 91 -12.64 -12.83 -24.74
C LYS A 91 -12.61 -11.30 -24.60
N ASP A 92 -13.36 -10.73 -23.66
CA ASP A 92 -13.40 -9.25 -23.50
C ASP A 92 -12.21 -8.78 -22.67
N GLY A 93 -11.44 -9.70 -22.12
CA GLY A 93 -10.23 -9.38 -21.34
C GLY A 93 -10.57 -9.00 -19.92
N VAL A 94 -11.78 -9.30 -19.48
CA VAL A 94 -12.26 -9.01 -18.10
C VAL A 94 -12.18 -10.29 -17.28
N ALA A 95 -11.56 -10.18 -16.10
CA ALA A 95 -11.58 -11.25 -15.06
C ALA A 95 -12.45 -10.80 -13.90
N ASP A 96 -13.53 -11.54 -13.66
CA ASP A 96 -14.42 -11.28 -12.52
C ASP A 96 -13.89 -12.09 -11.35
N VAL A 97 -13.39 -11.42 -10.35
CA VAL A 97 -12.68 -12.14 -9.27
C VAL A 97 -13.68 -12.40 -8.15
N SER A 98 -13.80 -13.64 -7.76
CA SER A 98 -14.60 -14.05 -6.60
C SER A 98 -13.92 -15.25 -5.95
N ILE A 99 -13.22 -15.02 -4.85
CA ILE A 99 -12.34 -16.06 -4.24
C ILE A 99 -12.70 -16.10 -2.75
N GLU A 100 -12.66 -17.27 -2.14
CA GLU A 100 -12.63 -17.36 -0.66
C GLU A 100 -11.39 -18.13 -0.24
N ASP A 101 -10.60 -17.59 0.66
CA ASP A 101 -9.34 -18.23 1.07
C ASP A 101 -9.25 -18.25 2.61
N SER A 102 -8.74 -19.35 3.14
CA SER A 102 -8.59 -19.55 4.60
C SER A 102 -7.14 -19.42 5.03
N VAL A 103 -6.22 -19.22 4.08
CA VAL A 103 -4.78 -19.19 4.44
C VAL A 103 -4.30 -17.74 4.56
N ILE A 104 -4.61 -16.88 3.59
CA ILE A 104 -4.36 -15.42 3.80
C ILE A 104 -5.16 -14.96 5.01
N SER A 105 -4.72 -13.88 5.62
CA SER A 105 -5.45 -13.25 6.73
C SER A 105 -5.29 -11.74 6.62
N LEU A 106 -6.21 -11.03 7.26
CA LEU A 106 -6.13 -9.57 7.43
C LEU A 106 -5.70 -9.24 8.86
N SER A 107 -5.26 -10.23 9.64
CA SER A 107 -4.47 -9.97 10.86
C SER A 107 -3.45 -11.07 11.15
N GLY A 108 -2.58 -10.82 12.12
CA GLY A 108 -1.61 -11.82 12.60
C GLY A 108 -0.50 -12.07 11.60
N ASP A 109 0.15 -13.24 11.70
CA ASP A 109 1.41 -13.59 11.00
C ASP A 109 1.12 -13.79 9.51
N HIS A 110 -0.11 -14.13 9.13
CA HIS A 110 -0.44 -14.44 7.72
C HIS A 110 -1.00 -13.18 7.07
N CYS A 111 -0.81 -12.03 7.72
CA CYS A 111 -1.49 -10.79 7.31
C CYS A 111 -0.87 -10.26 6.02
N ILE A 112 -1.72 -9.87 5.09
CA ILE A 112 -1.31 -9.48 3.72
C ILE A 112 -1.26 -7.96 3.62
N ILE A 113 -1.67 -7.26 4.65
CA ILE A 113 -1.70 -5.78 4.58
C ILE A 113 -0.29 -5.27 4.37
N GLY A 114 -0.14 -4.32 3.44
CA GLY A 114 1.17 -3.69 3.19
C GLY A 114 2.07 -4.54 2.31
N ARG A 115 1.55 -5.65 1.79
CA ARG A 115 2.26 -6.47 0.79
C ARG A 115 1.71 -6.12 -0.59
N THR A 116 2.15 -6.81 -1.62
CA THR A 116 1.73 -6.46 -3.01
C THR A 116 0.89 -7.59 -3.61
N LEU A 117 -0.26 -7.25 -4.19
CA LEU A 117 -1.05 -8.16 -5.05
C LEU A 117 -0.58 -7.98 -6.48
N VAL A 118 -0.29 -9.07 -7.18
CA VAL A 118 0.23 -9.05 -8.57
C VAL A 118 -0.64 -9.94 -9.45
N VAL A 119 -0.99 -9.46 -10.62
CA VAL A 119 -1.60 -10.33 -11.65
C VAL A 119 -0.58 -10.53 -12.76
N HIS A 120 -0.43 -11.77 -13.19
CA HIS A 120 0.69 -12.25 -14.04
C HIS A 120 0.28 -12.40 -15.51
N GLU A 121 1.30 -12.46 -16.34
CA GLU A 121 1.29 -12.61 -17.81
C GLU A 121 0.58 -13.90 -18.18
N LYS A 122 0.92 -14.99 -17.51
CA LYS A 122 0.48 -16.33 -17.90
C LYS A 122 -0.29 -17.03 -16.78
N ALA A 123 -0.65 -18.29 -17.04
CA ALA A 123 -1.26 -19.21 -16.05
C ALA A 123 -0.26 -19.67 -14.99
N ASP A 124 -0.69 -19.63 -13.74
CA ASP A 124 0.00 -20.31 -12.63
C ASP A 124 -0.36 -21.78 -12.75
N ASP A 125 0.64 -22.56 -12.73
CA ASP A 125 0.39 -23.97 -13.03
C ASP A 125 0.14 -24.71 -11.73
N LEU A 126 0.22 -23.95 -10.68
CA LEU A 126 -0.13 -24.42 -9.33
C LEU A 126 0.87 -25.47 -8.89
N GLY A 127 2.13 -25.40 -9.35
CA GLY A 127 3.19 -26.28 -8.83
C GLY A 127 3.16 -27.67 -9.46
N LYS A 128 2.35 -27.88 -10.48
CA LYS A 128 2.21 -29.23 -11.08
C LYS A 128 2.65 -29.20 -12.54
N GLY A 129 3.51 -28.25 -12.92
CA GLY A 129 3.91 -28.04 -14.32
C GLY A 129 5.07 -28.93 -14.75
N GLY A 130 5.77 -29.55 -13.81
CA GLY A 130 6.84 -30.52 -14.14
C GLY A 130 8.14 -29.84 -14.55
N ASN A 131 8.48 -28.76 -13.87
CA ASN A 131 9.87 -28.25 -13.80
C ASN A 131 10.04 -27.60 -12.43
N GLU A 132 11.27 -27.24 -12.10
CA GLU A 132 11.64 -26.70 -10.77
C GLU A 132 10.92 -25.36 -10.56
N GLU A 133 10.78 -24.61 -11.65
CA GLU A 133 10.22 -23.25 -11.61
C GLU A 133 8.75 -23.35 -11.15
N SER A 134 8.08 -24.46 -11.47
CA SER A 134 6.67 -24.71 -11.09
C SER A 134 6.52 -24.64 -9.57
N THR A 135 7.47 -25.17 -8.81
CA THR A 135 7.33 -25.15 -7.33
C THR A 135 7.99 -23.90 -6.78
N LYS A 136 8.25 -22.92 -7.58
CA LYS A 136 8.73 -21.68 -6.97
C LYS A 136 7.75 -20.58 -7.33
N THR A 137 7.46 -20.42 -8.63
CA THR A 137 6.73 -19.24 -9.16
C THR A 137 5.49 -19.75 -9.89
N GLY A 138 5.44 -21.03 -10.21
CA GLY A 138 4.36 -21.66 -11.00
C GLY A 138 4.36 -21.22 -12.45
N ASN A 139 5.45 -20.63 -12.93
CA ASN A 139 5.67 -20.29 -14.37
C ASN A 139 4.61 -19.30 -14.88
N ALA A 140 4.22 -18.34 -14.04
CA ALA A 140 3.15 -17.38 -14.42
C ALA A 140 3.77 -16.19 -15.15
N GLY A 141 5.10 -16.07 -15.14
CA GLY A 141 5.81 -15.12 -16.00
C GLY A 141 5.72 -13.71 -15.46
N SER A 142 5.63 -12.73 -16.36
CA SER A 142 5.95 -11.33 -15.99
C SER A 142 4.80 -10.76 -15.16
N ARG A 143 5.00 -9.61 -14.54
CA ARG A 143 3.96 -8.96 -13.71
C ARG A 143 3.26 -7.91 -14.55
N LEU A 144 1.97 -8.05 -14.79
CA LEU A 144 1.26 -7.09 -15.69
C LEU A 144 0.74 -5.89 -14.91
N ALA A 145 0.24 -6.12 -13.68
CA ALA A 145 -0.26 -5.02 -12.84
C ALA A 145 -0.12 -5.41 -11.37
N CYS A 146 0.02 -4.42 -10.51
CA CYS A 146 0.16 -4.69 -9.06
C CYS A 146 -0.31 -3.48 -8.25
N GLY A 147 -0.42 -3.67 -6.94
CA GLY A 147 -0.64 -2.55 -6.02
C GLY A 147 -0.39 -3.01 -4.60
N VAL A 148 -0.21 -2.05 -3.72
CA VAL A 148 -0.01 -2.32 -2.28
C VAL A 148 -1.38 -2.56 -1.68
N ILE A 149 -1.47 -3.54 -0.81
CA ILE A 149 -2.73 -3.94 -0.15
C ILE A 149 -2.92 -3.02 1.06
N GLY A 150 -4.02 -2.29 1.07
CA GLY A 150 -4.26 -1.21 2.03
C GLY A 150 -5.52 -1.37 2.85
N ILE A 151 -5.53 -0.73 4.02
CA ILE A 151 -6.65 -0.76 4.97
C ILE A 151 -7.78 0.08 4.37
N ALA A 152 -8.98 -0.46 4.38
CA ALA A 152 -10.18 0.19 3.82
C ALA A 152 -11.11 0.61 4.95
N GLN A 153 -12.05 1.46 4.61
CA GLN A 153 -13.13 1.87 5.55
C GLN A 153 -14.09 0.72 5.76
N ALA B 1 15.62 -1.98 11.55
CA ALA B 1 15.31 -3.44 11.39
C ALA B 1 13.88 -3.63 10.84
N THR B 2 12.99 -2.67 11.01
CA THR B 2 11.74 -2.56 10.21
C THR B 2 11.89 -1.46 9.16
N LYS B 3 11.55 -1.77 7.92
CA LYS B 3 11.68 -0.84 6.80
C LYS B 3 10.36 -0.85 6.03
N VAL B 4 9.84 0.31 5.67
CA VAL B 4 8.60 0.40 4.85
C VAL B 4 8.84 1.46 3.78
N VAL B 5 8.06 1.45 2.73
CA VAL B 5 8.30 2.44 1.66
C VAL B 5 6.95 2.95 1.16
N CYS B 6 6.98 4.11 0.51
CA CYS B 6 5.77 4.68 -0.10
C CYS B 6 6.15 5.38 -1.40
N VAL B 7 5.48 5.03 -2.47
CA VAL B 7 5.65 5.73 -3.78
C VAL B 7 4.48 6.70 -3.93
N LEU B 8 4.78 8.00 -3.94
CA LEU B 8 3.76 9.08 -4.12
C LEU B 8 3.57 9.36 -5.61
N LYS B 9 2.33 9.32 -6.05
CA LYS B 9 1.92 9.69 -7.42
C LYS B 9 0.55 10.36 -7.33
N GLY B 10 0.20 11.19 -8.31
CA GLY B 10 -1.11 11.87 -8.30
C GLY B 10 -1.71 12.13 -9.67
N ASP B 11 -2.60 13.13 -9.75
CA ASP B 11 -3.23 13.60 -11.03
C ASP B 11 -2.23 14.48 -11.78
N GLY B 12 -1.33 15.13 -11.06
CA GLY B 12 -0.38 16.11 -11.63
C GLY B 12 1.00 15.49 -11.92
N PRO B 13 2.09 16.31 -12.00
CA PRO B 13 3.50 15.85 -12.15
C PRO B 13 4.16 15.68 -10.74
N VAL B 14 3.37 15.60 -9.68
CA VAL B 14 3.99 15.44 -8.33
C VAL B 14 4.30 13.94 -8.15
N GLN B 15 5.55 13.63 -7.82
CA GLN B 15 5.95 12.22 -7.61
C GLN B 15 7.14 12.16 -6.66
N GLY B 16 7.18 11.10 -5.86
CA GLY B 16 8.20 10.96 -4.80
C GLY B 16 8.36 9.53 -4.32
N ILE B 17 9.52 9.23 -3.77
CA ILE B 17 9.73 7.98 -3.00
C ILE B 17 10.13 8.36 -1.57
N ILE B 18 9.39 7.82 -0.62
CA ILE B 18 9.59 8.11 0.81
C ILE B 18 9.84 6.79 1.55
N ASN B 19 10.92 6.77 2.31
CA ASN B 19 11.38 5.56 3.05
C ASN B 19 11.10 5.80 4.53
N PHE B 20 10.75 4.75 5.24
CA PHE B 20 10.57 4.80 6.71
C PHE B 20 11.42 3.68 7.31
N GLU B 21 12.08 3.94 8.44
CA GLU B 21 12.90 2.91 9.11
C GLU B 21 12.86 3.04 10.63
N GLN B 22 12.64 1.93 11.31
CA GLN B 22 12.43 1.90 12.78
C GLN B 22 13.27 0.78 13.36
N LYS B 23 14.29 1.11 14.11
CA LYS B 23 15.28 0.12 14.61
C LYS B 23 14.68 -0.74 15.71
N GLU B 24 13.79 -0.18 16.53
CA GLU B 24 13.13 -0.94 17.61
C GLU B 24 11.68 -0.50 17.66
N SER B 25 10.79 -1.33 18.19
CA SER B 25 9.34 -1.01 18.18
C SER B 25 9.06 0.17 19.12
N ASN B 26 9.90 0.41 20.10
CA ASN B 26 9.66 1.52 21.06
C ASN B 26 10.29 2.80 20.51
N GLY B 27 11.00 2.72 19.39
CA GLY B 27 11.93 3.77 18.98
C GLY B 27 11.35 4.72 17.94
N PRO B 28 12.10 5.80 17.61
CA PRO B 28 11.70 6.73 16.57
C PRO B 28 11.73 6.09 15.18
N VAL B 29 10.97 6.70 14.26
CA VAL B 29 10.95 6.30 12.84
C VAL B 29 11.65 7.41 12.08
N LYS B 30 12.67 7.07 11.32
CA LYS B 30 13.35 8.00 10.41
C LYS B 30 12.63 7.96 9.09
N VAL B 31 12.37 9.11 8.56
CA VAL B 31 11.58 9.24 7.32
C VAL B 31 12.47 10.04 6.40
N TRP B 32 12.71 9.55 5.19
CA TRP B 32 13.60 10.24 4.25
C TRP B 32 13.23 9.94 2.80
N GLY B 33 13.48 10.87 1.93
CA GLY B 33 13.35 10.59 0.50
C GLY B 33 13.22 11.89 -0.26
N SER B 34 12.69 11.84 -1.45
CA SER B 34 12.64 13.01 -2.35
C SER B 34 11.28 13.08 -3.01
N ILE B 35 10.75 14.29 -3.13
CA ILE B 35 9.53 14.55 -3.94
C ILE B 35 9.86 15.67 -4.93
N LYS B 36 9.40 15.53 -6.17
CA LYS B 36 9.62 16.56 -7.23
C LYS B 36 8.27 17.00 -7.83
N GLY B 37 8.27 18.12 -8.54
CA GLY B 37 7.07 18.65 -9.22
C GLY B 37 6.17 19.46 -8.31
N LEU B 38 6.67 19.88 -7.14
CA LEU B 38 5.97 20.74 -6.18
C LEU B 38 6.26 22.21 -6.52
N THR B 39 5.37 23.09 -6.10
CA THR B 39 5.57 24.55 -6.10
C THR B 39 6.46 24.91 -4.90
N GLU B 40 7.27 25.97 -5.05
CA GLU B 40 8.21 26.39 -3.97
C GLU B 40 7.42 26.66 -2.68
N GLY B 41 7.92 26.13 -1.55
CA GLY B 41 7.40 26.44 -0.21
C GLY B 41 6.92 25.20 0.54
N LEU B 42 6.05 25.41 1.52
CA LEU B 42 5.64 24.33 2.45
C LEU B 42 4.49 23.56 1.83
N HIS B 43 4.52 22.25 2.03
CA HIS B 43 3.43 21.35 1.60
C HIS B 43 3.12 20.39 2.72
N GLY B 44 1.85 20.34 3.12
CA GLY B 44 1.40 19.50 4.23
C GLY B 44 1.68 18.05 3.90
N PHE B 45 2.10 17.31 4.91
CA PHE B 45 2.65 15.94 4.74
C PHE B 45 2.04 15.10 5.84
N HIS B 46 1.07 14.26 5.48
CA HIS B 46 0.22 13.51 6.45
C HIS B 46 0.13 12.04 6.07
N VAL B 47 0.07 11.19 7.09
CA VAL B 47 -0.46 9.81 6.95
C VAL B 47 -1.96 9.93 7.14
N HIS B 48 -2.70 9.48 6.14
CA HIS B 48 -4.17 9.42 6.15
C HIS B 48 -4.61 8.01 6.55
N GLU B 49 -5.83 7.89 6.98
CA GLU B 49 -6.35 6.70 7.68
C GLU B 49 -6.40 5.46 6.79
N PHE B 50 -6.84 5.58 5.56
CA PHE B 50 -7.12 4.39 4.72
C PHE B 50 -6.08 4.26 3.63
N GLY B 51 -5.62 3.03 3.38
CA GLY B 51 -4.73 2.68 2.27
C GLY B 51 -5.54 2.40 1.02
N ASP B 52 -6.51 3.27 0.76
CA ASP B 52 -7.53 3.08 -0.29
C ASP B 52 -7.31 4.19 -1.32
N ASN B 53 -6.89 3.80 -2.50
CA ASN B 53 -6.58 4.75 -3.60
C ASN B 53 -7.54 4.44 -4.75
N THR B 54 -8.71 3.89 -4.45
CA THR B 54 -9.69 3.46 -5.47
C THR B 54 -10.16 4.69 -6.26
N ALA B 55 -10.39 5.83 -5.62
CA ALA B 55 -10.73 7.07 -6.35
C ALA B 55 -9.65 8.12 -6.08
N GLY B 56 -8.40 7.80 -6.45
CA GLY B 56 -7.23 8.64 -6.20
C GLY B 56 -7.04 8.91 -4.72
N CYS B 57 -6.47 10.06 -4.42
CA CYS B 57 -6.04 10.42 -3.05
C CYS B 57 -7.25 10.67 -2.16
N THR B 58 -8.41 10.97 -2.74
CA THR B 58 -9.60 11.32 -1.93
C THR B 58 -10.05 10.12 -1.09
N SER B 59 -9.96 8.88 -1.59
CA SER B 59 -10.42 7.70 -0.82
C SER B 59 -9.52 7.42 0.39
N ALA B 60 -8.42 8.15 0.59
CA ALA B 60 -7.57 7.96 1.77
C ALA B 60 -8.24 8.45 3.04
N GLY B 61 -9.31 9.25 2.94
CA GLY B 61 -10.03 9.67 4.15
C GLY B 61 -9.27 10.76 4.91
N PRO B 62 -9.59 11.00 6.20
CA PRO B 62 -8.94 12.06 6.96
C PRO B 62 -7.59 11.60 7.50
N HIS B 63 -7.00 12.45 8.34
CA HIS B 63 -5.68 12.20 8.97
C HIS B 63 -5.81 10.94 9.83
N PHE B 64 -4.81 10.05 9.76
CA PHE B 64 -4.71 8.88 10.64
C PHE B 64 -4.72 9.39 12.10
N ASN B 65 -5.75 9.05 12.86
CA ASN B 65 -6.02 9.68 14.17
C ASN B 65 -6.58 8.61 15.09
N PRO B 66 -5.80 7.56 15.40
CA PRO B 66 -6.29 6.47 16.23
C PRO B 66 -6.63 6.88 17.68
N LEU B 67 -6.10 8.00 18.15
CA LEU B 67 -6.25 8.43 19.57
C LEU B 67 -7.30 9.53 19.70
N SER B 68 -8.01 9.83 18.61
CA SER B 68 -9.09 10.83 18.58
C SER B 68 -8.63 12.18 19.16
N ARG B 69 -7.52 12.70 18.67
CA ARG B 69 -7.00 14.01 19.09
C ARG B 69 -7.25 15.02 17.97
N LYS B 70 -6.96 16.28 18.27
CA LYS B 70 -7.09 17.40 17.31
C LYS B 70 -5.80 17.47 16.48
N HIS B 71 -5.86 18.16 15.35
CA HIS B 71 -4.71 18.36 14.46
C HIS B 71 -3.65 19.24 15.15
N GLY B 72 -2.40 18.95 14.89
CA GLY B 72 -1.27 19.75 15.37
C GLY B 72 -0.06 19.58 14.49
N GLY B 73 1.08 20.10 14.93
CA GLY B 73 2.37 19.86 14.26
C GLY B 73 3.04 18.64 14.87
N PRO B 74 4.08 18.10 14.21
CA PRO B 74 4.77 16.90 14.68
C PRO B 74 5.28 17.07 16.12
N LYS B 75 5.53 18.31 16.52
CA LYS B 75 6.20 18.58 17.82
C LYS B 75 5.16 18.76 18.91
N ASP B 76 3.86 18.77 18.62
CA ASP B 76 2.83 18.98 19.65
C ASP B 76 2.43 17.64 20.29
N GLU B 77 2.05 17.66 21.57
CA GLU B 77 1.39 16.51 22.23
C GLU B 77 -0.01 16.35 21.64
N GLU B 78 -0.70 17.47 21.40
CA GLU B 78 -2.01 17.43 20.72
C GLU B 78 -1.74 17.41 19.20
N ARG B 79 -1.74 16.21 18.64
CA ARG B 79 -1.56 16.01 17.18
C ARG B 79 -2.25 14.71 16.83
N HIS B 80 -2.63 14.55 15.58
CA HIS B 80 -3.04 13.24 15.03
C HIS B 80 -1.77 12.40 14.94
N VAL B 81 -1.85 11.07 15.03
CA VAL B 81 -0.63 10.23 14.79
C VAL B 81 -0.06 10.61 13.41
N GLY B 82 -0.89 10.84 12.40
CA GLY B 82 -0.42 11.07 11.02
C GLY B 82 0.10 12.48 10.75
N ASP B 83 0.24 13.32 11.77
CA ASP B 83 0.62 14.73 11.55
C ASP B 83 2.13 14.82 11.43
N LEU B 84 2.65 14.86 10.19
CA LEU B 84 4.11 14.96 9.97
C LEU B 84 4.48 16.37 9.53
N GLY B 85 3.58 17.32 9.71
CA GLY B 85 3.91 18.74 9.48
C GLY B 85 4.04 19.04 8.00
N ASN B 86 5.18 19.60 7.59
CA ASN B 86 5.35 20.09 6.20
C ASN B 86 6.68 19.62 5.65
N VAL B 87 6.72 19.38 4.35
CA VAL B 87 8.01 19.29 3.64
C VAL B 87 8.14 20.58 2.85
N THR B 88 9.35 20.94 2.53
CA THR B 88 9.62 22.27 1.93
C THR B 88 10.27 22.02 0.58
N ALA B 89 9.63 22.50 -0.46
CA ALA B 89 10.14 22.45 -1.84
C ALA B 89 10.87 23.77 -2.16
N ASP B 90 11.96 23.63 -2.91
CA ASP B 90 12.83 24.72 -3.38
C ASP B 90 12.27 25.30 -4.69
N LYS B 91 12.99 26.27 -5.27
CA LYS B 91 12.69 26.86 -6.61
C LYS B 91 12.60 25.75 -7.65
N ASP B 92 13.34 24.67 -7.46
CA ASP B 92 13.42 23.58 -8.45
C ASP B 92 12.24 22.63 -8.25
N GLY B 93 11.43 22.86 -7.23
CA GLY B 93 10.20 22.06 -6.97
C GLY B 93 10.53 20.75 -6.27
N VAL B 94 11.75 20.61 -5.76
CA VAL B 94 12.21 19.38 -5.07
C VAL B 94 12.11 19.61 -3.56
N ALA B 95 11.48 18.66 -2.86
CA ALA B 95 11.49 18.58 -1.39
C ALA B 95 12.37 17.41 -0.97
N ASP B 96 13.44 17.73 -0.24
CA ASP B 96 14.32 16.71 0.36
C ASP B 96 13.76 16.38 1.72
N VAL B 97 13.26 15.17 1.87
CA VAL B 97 12.52 14.83 3.12
C VAL B 97 13.51 14.17 4.07
N SER B 98 13.61 14.72 5.25
CA SER B 98 14.42 14.13 6.34
CA SER B 98 14.44 14.15 6.34
C SER B 98 13.72 14.44 7.65
N ILE B 99 13.02 13.46 8.17
CA ILE B 99 12.16 13.65 9.37
C ILE B 99 12.55 12.56 10.38
N GLU B 100 12.50 12.87 11.65
CA GLU B 100 12.46 11.81 12.69
C GLU B 100 11.20 12.00 13.53
N ASP B 101 10.41 10.94 13.67
CA ASP B 101 9.15 11.05 14.43
C ASP B 101 9.08 9.91 15.46
N SER B 102 8.57 10.25 16.63
CA SER B 102 8.45 9.29 17.76
C SER B 102 7.00 8.88 17.94
N VAL B 103 6.07 9.45 17.16
CA VAL B 103 4.62 9.15 17.36
C VAL B 103 4.15 8.12 16.34
N ILE B 104 4.46 8.28 15.06
CA ILE B 104 4.23 7.16 14.10
C ILE B 104 5.04 5.95 14.55
N SER B 105 4.59 4.78 14.15
CA SER B 105 5.31 3.52 14.38
C SER B 105 5.15 2.62 13.17
N LEU B 106 6.05 1.67 13.03
CA LEU B 106 5.96 0.57 12.04
C LEU B 106 5.52 -0.71 12.75
N SER B 107 5.11 -0.64 14.02
CA SER B 107 4.28 -1.71 14.64
C SER B 107 3.28 -1.15 15.64
N GLY B 108 2.40 -2.03 16.13
CA GLY B 108 1.45 -1.69 17.21
C GLY B 108 0.31 -0.82 16.69
N ASP B 109 -0.36 -0.14 17.63
CA ASP B 109 -1.62 0.59 17.36
C ASP B 109 -1.34 1.84 16.54
N HIS B 110 -0.11 2.35 16.56
CA HIS B 110 0.25 3.60 15.87
C HIS B 110 0.87 3.25 14.52
N CYS B 111 0.66 2.02 14.07
CA CYS B 111 1.35 1.50 12.87
C CYS B 111 0.76 2.14 11.61
N ILE B 112 1.62 2.57 10.71
CA ILE B 112 1.21 3.36 9.52
C ILE B 112 1.17 2.42 8.31
N ILE B 113 1.54 1.18 8.51
CA ILE B 113 1.58 0.25 7.35
C ILE B 113 0.16 0.05 6.82
N GLY B 114 0.03 0.13 5.48
CA GLY B 114 -1.27 -0.07 4.81
C GLY B 114 -2.13 1.17 4.85
N ARG B 115 -1.62 2.28 5.35
CA ARG B 115 -2.34 3.58 5.34
C ARG B 115 -1.80 4.39 4.16
N THR B 116 -2.24 5.62 4.00
CA THR B 116 -1.80 6.43 2.84
C THR B 116 -0.95 7.61 3.31
N LEU B 117 0.20 7.82 2.67
CA LEU B 117 0.98 9.08 2.82
C LEU B 117 0.52 10.04 1.74
N VAL B 118 0.24 11.30 2.10
CA VAL B 118 -0.28 12.33 1.15
C VAL B 118 0.59 13.57 1.28
N VAL B 119 0.95 14.13 0.14
CA VAL B 119 1.55 15.49 0.12
C VAL B 119 0.52 16.47 -0.45
N HIS B 120 0.37 17.60 0.23
CA HIS B 120 -0.75 18.55 0.04
C HIS B 120 -0.35 19.76 -0.81
N GLU B 121 -1.38 20.41 -1.32
CA GLU B 121 -1.32 21.61 -2.20
C GLU B 121 -0.61 22.75 -1.47
N LYS B 122 -0.98 22.96 -0.21
CA LYS B 122 -0.52 24.14 0.56
C LYS B 122 0.23 23.74 1.83
N ALA B 123 0.57 24.76 2.60
CA ALA B 123 1.17 24.64 3.95
C ALA B 123 0.17 24.14 4.99
N ASP B 124 0.60 23.19 5.80
CA ASP B 124 -0.08 22.82 7.05
C ASP B 124 0.29 23.88 8.07
N ASP B 125 -0.69 24.40 8.71
CA ASP B 125 -0.45 25.57 9.58
C ASP B 125 -0.20 25.06 10.99
N LEU B 126 -0.22 23.75 11.06
CA LEU B 126 0.12 22.99 12.26
C LEU B 126 -0.87 23.32 13.36
N GLY B 127 -2.13 23.60 13.01
CA GLY B 127 -3.21 23.76 14.02
C GLY B 127 -3.21 25.13 14.68
N LYS B 128 -2.34 26.03 14.24
CA LYS B 128 -2.17 27.38 14.84
C LYS B 128 -2.71 28.45 13.89
N GLY B 129 -3.56 28.07 12.93
CA GLY B 129 -4.03 28.97 11.86
C GLY B 129 -5.18 29.85 12.29
N GLY B 130 -5.86 29.54 13.39
CA GLY B 130 -6.91 30.43 13.91
C GLY B 130 -8.22 30.29 13.16
N ASN B 131 -8.59 29.07 12.81
CA ASN B 131 -9.98 28.72 12.41
C ASN B 131 -10.23 27.27 12.84
N GLU B 132 -11.46 26.76 12.67
CA GLU B 132 -11.75 25.40 13.13
C GLU B 132 -11.06 24.40 12.21
N GLU B 133 -10.92 24.75 10.94
CA GLU B 133 -10.34 23.86 9.92
C GLU B 133 -8.87 23.59 10.29
N SER B 134 -8.20 24.55 10.94
CA SER B 134 -6.78 24.38 11.32
C SER B 134 -6.65 23.21 12.30
N THR B 135 -7.64 23.03 13.16
CA THR B 135 -7.63 22.02 14.23
C THR B 135 -8.06 20.67 13.64
N LYS B 136 -8.35 20.61 12.34
CA LYS B 136 -8.81 19.34 11.71
C LYS B 136 -7.83 18.94 10.61
N THR B 137 -7.58 19.80 9.63
CA THR B 137 -6.82 19.47 8.40
C THR B 137 -5.58 20.35 8.33
N GLY B 138 -5.56 21.42 9.12
CA GLY B 138 -4.45 22.41 9.09
C GLY B 138 -4.45 23.24 7.80
N ASN B 139 -5.55 23.22 7.05
CA ASN B 139 -5.77 24.10 5.86
C ASN B 139 -4.72 23.82 4.77
N ALA B 140 -4.33 22.56 4.59
CA ALA B 140 -3.25 22.20 3.64
C ALA B 140 -3.84 21.99 2.24
N GLY B 141 -5.15 21.91 2.13
CA GLY B 141 -5.83 21.93 0.83
C GLY B 141 -5.75 20.59 0.13
N SER B 142 -5.66 20.62 -1.19
CA SER B 142 -5.95 19.46 -2.06
C SER B 142 -4.86 18.41 -1.86
N ARG B 143 -5.08 17.20 -2.37
CA ARG B 143 -4.04 16.15 -2.28
C ARG B 143 -3.30 16.06 -3.61
N LEU B 144 -2.02 16.39 -3.66
CA LEU B 144 -1.30 16.42 -4.96
C LEU B 144 -0.77 15.03 -5.35
N ALA B 145 -0.29 14.24 -4.38
CA ALA B 145 0.25 12.90 -4.64
C ALA B 145 0.09 12.05 -3.39
N CYS B 146 -0.07 10.76 -3.59
CA CYS B 146 -0.24 9.84 -2.44
C CYS B 146 0.22 8.45 -2.83
N GLY B 147 0.35 7.60 -1.83
CA GLY B 147 0.55 6.17 -2.08
C GLY B 147 0.34 5.40 -0.82
N VAL B 148 0.18 4.09 -0.98
CA VAL B 148 -0.06 3.18 0.17
C VAL B 148 1.30 2.86 0.75
N ILE B 149 1.35 2.79 2.08
CA ILE B 149 2.61 2.57 2.81
C ILE B 149 2.82 1.06 2.92
N GLY B 150 3.94 0.59 2.40
CA GLY B 150 4.19 -0.84 2.19
C GLY B 150 5.41 -1.36 2.91
N ILE B 151 5.40 -2.67 3.15
CA ILE B 151 6.54 -3.37 3.79
C ILE B 151 7.67 -3.47 2.78
N ALA B 152 8.87 -3.14 3.22
CA ALA B 152 10.08 -3.14 2.36
C ALA B 152 11.02 -4.24 2.82
N GLN B 153 11.97 -4.53 1.95
CA GLN B 153 13.04 -5.52 2.20
C GLN B 153 14.00 -4.97 3.26
ZN ZN C . 3.80 -19.19 -4.63
C1 LQW D . 0.03 -8.05 13.37
C2 LQW D . 0.19 -8.74 12.18
C3 LQW D . -0.60 -8.44 11.07
C5 LQW D . -1.73 -6.69 12.38
C6 LQW D . -2.72 -5.57 12.56
C7 LQW D . -3.09 -3.14 12.14
C8 LQW D . -4.47 -2.87 11.56
C9 LQW D . -4.97 -3.70 10.56
C13 LQW D . -5.25 -1.83 12.04
CL LQW D . -8.66 -2.19 9.78
C11 LQW D . -7.03 -2.43 10.50
C10 LQW D . -6.24 -3.48 10.04
C12 LQW D . -6.53 -1.60 11.52
N LQW D . -2.55 -4.46 11.82
O LQW D . -3.54 -5.68 13.47
C LQW D . -0.92 -7.03 13.48
C4 LQW D . -1.57 -7.44 11.08
SE LQW D . -2.44 -7.14 9.78
S SO4 E . 6.83 -14.44 -9.78
O1 SO4 E . 7.02 -15.26 -10.96
O2 SO4 E . 5.45 -14.51 -9.38
O3 SO4 E . 7.65 -14.91 -8.68
O4 SO4 E . 7.17 -13.08 -10.09
ZN ZN F . 3.74 -13.71 -8.86
ZN ZN G . -3.89 16.04 11.36
C1 LQW H . -0.93 -3.87 9.16
C2 LQW H . -0.86 -2.57 9.61
C3 LQW H . 0.14 -2.20 10.49
C5 LQW H . 1.01 -4.54 10.44
C6 LQW H . 1.96 -5.64 10.85
C7 LQW H . 3.31 -7.59 10.28
C8 LQW H . 4.65 -7.21 9.70
C9 LQW H . 5.48 -8.20 9.16
C13 LQW H . 5.06 -5.88 9.68
CL LQW H . 8.68 -6.08 7.88
C11 LQW H . 7.10 -6.52 8.60
C10 LQW H . 6.70 -7.85 8.63
C12 LQW H . 6.28 -5.53 9.13
N LQW H . 2.33 -6.57 9.95
O LQW H . 2.37 -5.69 12.00
C LQW H . -0.02 -4.85 9.57
C4 LQW H . 1.12 -3.12 10.97
SE LQW H . 2.30 -2.69 11.98
S SO4 I . -7.18 17.48 3.85
O1 SO4 I . -7.28 16.91 2.53
O2 SO4 I . -8.50 17.73 4.37
O3 SO4 I . -6.51 16.55 4.71
O4 SO4 I . -6.46 18.75 3.80
ZN ZN J . -3.69 15.74 4.37
#